data_5VZV
#
_entry.id   5VZV
#
_cell.length_a   91.717
_cell.length_b   142.464
_cell.length_c   45.427
_cell.angle_alpha   90.00
_cell.angle_beta   90.00
_cell.angle_gamma   90.00
#
_symmetry.space_group_name_H-M   'C 2 2 21'
#
loop_
_entity.id
_entity.type
_entity.pdbx_description
1 polymer 'E3 ubiquitin-protein ligase TRIM23'
2 non-polymer 'ZINC ION'
3 water water
#
_entity_poly.entity_id   1
_entity_poly.type   'polypeptide(L)'
_entity_poly.pdbx_seq_one_letter_code
;MATLVVNKLGAGVDSGRQGSRGTAVVKVLECGVCEDVFSLQGDKVPRLLLCGHTVCHDCLTRLPLHGRAIRCPFDRQVTD
LGDSGVWGLKKNFALLELLERLQNGPIGQYGAAEESIGISGES
;
_entity_poly.pdbx_strand_id   A,B,C
#
loop_
_chem_comp.id
_chem_comp.type
_chem_comp.name
_chem_comp.formula
ZN non-polymer 'ZINC ION' 'Zn 2'
#
# COMPACT_ATOMS: atom_id res chain seq x y z
N VAL A 28 -6.82 1.13 13.53
CA VAL A 28 -7.61 1.48 12.37
C VAL A 28 -6.71 1.94 11.23
N LEU A 29 -7.19 1.73 10.00
CA LEU A 29 -6.48 2.13 8.78
C LEU A 29 -7.49 2.77 7.85
N GLU A 30 -7.09 3.84 7.18
CA GLU A 30 -7.99 4.58 6.30
C GLU A 30 -7.72 4.28 4.83
N CYS A 31 -8.80 4.32 4.04
CA CYS A 31 -8.66 4.33 2.59
C CYS A 31 -7.93 5.59 2.17
N GLY A 32 -6.92 5.43 1.32
CA GLY A 32 -6.11 6.56 0.90
C GLY A 32 -6.83 7.59 0.07
N VAL A 33 -8.01 7.27 -0.45
CA VAL A 33 -8.76 8.20 -1.28
C VAL A 33 -9.71 9.02 -0.42
N CYS A 34 -10.65 8.35 0.27
CA CYS A 34 -11.66 9.05 1.04
C CYS A 34 -11.23 9.33 2.47
N GLU A 35 -10.15 8.71 2.94
CA GLU A 35 -9.64 8.87 4.29
C GLU A 35 -10.62 8.36 5.34
N ASP A 36 -11.64 7.60 4.95
CA ASP A 36 -12.46 6.86 5.90
C ASP A 36 -11.83 5.52 6.21
N VAL A 37 -12.21 4.95 7.36
CA VAL A 37 -11.65 3.68 7.79
C VAL A 37 -12.31 2.53 7.04
N PHE A 38 -11.53 1.49 6.78
CA PHE A 38 -12.05 0.29 6.16
C PHE A 38 -12.99 -0.46 7.11
N SER A 39 -13.99 -1.11 6.53
CA SER A 39 -14.87 -2.01 7.25
C SER A 39 -14.56 -3.45 6.90
N LEU A 40 -15.04 -4.37 7.75
CA LEU A 40 -14.82 -5.80 7.51
C LEU A 40 -15.73 -6.36 6.44
N GLN A 41 -16.78 -5.63 6.07
CA GLN A 41 -17.66 -6.04 4.99
C GLN A 41 -18.48 -4.84 4.59
N GLY A 42 -19.08 -4.91 3.39
CA GLY A 42 -19.96 -3.86 2.93
C GLY A 42 -19.31 -2.84 2.04
N ASP A 43 -19.82 -1.60 2.11
CA ASP A 43 -19.42 -0.57 1.16
C ASP A 43 -18.01 -0.06 1.40
N LYS A 44 -17.41 -0.32 2.57
CA LYS A 44 -16.08 0.14 2.88
C LYS A 44 -15.07 -1.00 2.96
N VAL A 45 -15.40 -2.14 2.37
CA VAL A 45 -14.48 -3.29 2.44
C VAL A 45 -13.27 -3.01 1.56
N PRO A 46 -12.06 -3.38 1.98
CA PRO A 46 -10.87 -3.13 1.16
C PRO A 46 -10.79 -4.09 -0.02
N ARG A 47 -10.72 -3.54 -1.22
CA ARG A 47 -10.51 -4.34 -2.42
C ARG A 47 -9.19 -3.98 -3.08
N LEU A 48 -8.67 -4.93 -3.86
CA LEU A 48 -7.32 -4.85 -4.44
C LEU A 48 -7.36 -4.51 -5.92
N LEU A 49 -6.45 -3.63 -6.33
CA LEU A 49 -6.13 -3.42 -7.74
C LEU A 49 -4.90 -4.25 -8.10
N LEU A 50 -4.68 -4.44 -9.41
CA LEU A 50 -3.58 -5.31 -9.82
C LEU A 50 -2.21 -4.70 -9.57
N CYS A 51 -2.15 -3.40 -9.28
CA CYS A 51 -0.89 -2.78 -8.87
C CYS A 51 -0.53 -3.09 -7.42
N GLY A 52 -1.42 -3.70 -6.66
CA GLY A 52 -1.15 -4.04 -5.27
C GLY A 52 -1.74 -3.06 -4.28
N HIS A 53 -2.30 -1.95 -4.74
CA HIS A 53 -2.93 -0.99 -3.86
C HIS A 53 -4.33 -1.44 -3.49
N THR A 54 -4.74 -1.04 -2.29
CA THR A 54 -6.06 -1.28 -1.76
C THR A 54 -6.85 0.02 -1.78
N VAL A 55 -8.12 -0.08 -2.15
CA VAL A 55 -9.05 1.04 -2.13
C VAL A 55 -10.38 0.50 -1.62
N CYS A 56 -11.12 1.33 -0.88
CA CYS A 56 -12.40 0.85 -0.36
C CYS A 56 -13.39 0.68 -1.51
N HIS A 57 -14.35 -0.23 -1.28
CA HIS A 57 -15.32 -0.57 -2.32
C HIS A 57 -16.02 0.66 -2.86
N ASP A 58 -16.51 1.52 -1.97
CA ASP A 58 -17.28 2.68 -2.38
C ASP A 58 -16.47 3.62 -3.27
N CYS A 59 -15.27 3.99 -2.84
CA CYS A 59 -14.42 4.81 -3.70
C CYS A 59 -14.23 4.15 -5.05
N LEU A 60 -14.04 2.83 -5.07
CA LEU A 60 -13.85 2.14 -6.34
C LEU A 60 -15.07 2.29 -7.24
N THR A 61 -16.28 2.22 -6.67
CA THR A 61 -17.46 2.42 -7.50
C THR A 61 -17.59 3.86 -7.98
N ARG A 62 -16.97 4.82 -7.29
CA ARG A 62 -17.07 6.21 -7.71
C ARG A 62 -15.94 6.68 -8.61
N LEU A 63 -14.91 5.86 -8.83
CA LEU A 63 -13.78 6.32 -9.62
C LEU A 63 -14.09 6.35 -11.12
N PRO A 64 -13.44 7.23 -11.88
CA PRO A 64 -13.68 7.27 -13.32
C PRO A 64 -13.23 5.97 -13.99
N LEU A 65 -13.94 5.62 -15.05
CA LEU A 65 -13.71 4.41 -15.83
C LEU A 65 -13.08 4.74 -17.16
N HIS A 66 -12.16 3.88 -17.60
CA HIS A 66 -11.54 4.00 -18.91
C HIS A 66 -11.89 2.70 -19.63
N GLY A 67 -13.00 2.73 -20.35
CA GLY A 67 -13.52 1.51 -20.97
C GLY A 67 -14.02 0.57 -19.90
N ARG A 68 -13.60 -0.69 -20.00
CA ARG A 68 -13.87 -1.69 -18.97
C ARG A 68 -12.72 -1.80 -17.99
N ALA A 69 -11.97 -0.71 -17.84
CA ALA A 69 -10.78 -0.65 -17.01
C ALA A 69 -10.85 0.54 -16.08
N ILE A 70 -10.21 0.40 -14.93
CA ILE A 70 -10.15 1.44 -13.92
C ILE A 70 -8.68 1.77 -13.67
N ARG A 71 -8.38 3.05 -13.43
CA ARG A 71 -7.01 3.46 -13.17
C ARG A 71 -6.83 3.63 -11.67
N CYS A 72 -5.72 3.10 -11.15
CA CYS A 72 -5.42 3.24 -9.73
C CYS A 72 -5.35 4.72 -9.38
N PRO A 73 -6.06 5.18 -8.34
CA PRO A 73 -6.00 6.60 -7.99
C PRO A 73 -4.66 7.07 -7.45
N PHE A 74 -3.73 6.17 -7.12
CA PHE A 74 -2.45 6.58 -6.59
C PHE A 74 -1.36 6.64 -7.66
N ASP A 75 -1.36 5.71 -8.61
CA ASP A 75 -0.30 5.63 -9.61
C ASP A 75 -0.82 5.56 -11.04
N ARG A 76 -2.13 5.64 -11.25
CA ARG A 76 -2.76 5.65 -12.57
C ARG A 76 -2.59 4.34 -13.35
N GLN A 77 -2.03 3.31 -12.74
CA GLN A 77 -1.90 2.05 -13.46
C GLN A 77 -3.26 1.41 -13.66
N VAL A 78 -3.39 0.66 -14.74
CA VAL A 78 -4.68 0.16 -15.22
C VAL A 78 -4.96 -1.22 -14.64
N THR A 79 -6.17 -1.39 -14.12
CA THR A 79 -6.70 -2.71 -13.77
C THR A 79 -7.90 -2.96 -14.66
N ASP A 80 -7.88 -4.09 -15.36
CA ASP A 80 -9.00 -4.44 -16.23
C ASP A 80 -10.10 -5.06 -15.39
N LEU A 81 -11.31 -4.62 -15.65
CA LEU A 81 -12.50 -5.13 -14.96
C LEU A 81 -13.20 -6.16 -15.83
N GLY A 82 -13.82 -7.14 -15.17
CA GLY A 82 -14.66 -8.10 -15.85
C GLY A 82 -16.11 -7.66 -15.79
N ASP A 83 -17.01 -8.58 -16.15
CA ASP A 83 -18.42 -8.23 -16.26
C ASP A 83 -19.02 -7.87 -14.90
N SER A 84 -18.37 -8.21 -13.80
CA SER A 84 -18.83 -7.85 -12.46
C SER A 84 -18.32 -6.50 -11.99
N GLY A 85 -17.51 -5.81 -12.79
CA GLY A 85 -17.03 -4.50 -12.38
C GLY A 85 -16.24 -4.57 -11.09
N VAL A 86 -16.46 -3.57 -10.24
CA VAL A 86 -15.73 -3.45 -8.97
C VAL A 86 -15.96 -4.67 -8.10
N TRP A 87 -17.12 -5.31 -8.20
CA TRP A 87 -17.40 -6.48 -7.40
C TRP A 87 -16.49 -7.65 -7.74
N GLY A 88 -15.87 -7.65 -8.92
CA GLY A 88 -14.91 -8.68 -9.27
C GLY A 88 -13.51 -8.44 -8.76
N LEU A 89 -13.23 -7.26 -8.22
CA LEU A 89 -11.95 -7.02 -7.57
C LEU A 89 -11.88 -7.77 -6.25
N LYS A 90 -10.74 -8.40 -5.99
CA LYS A 90 -10.59 -9.29 -4.85
C LYS A 90 -10.47 -8.51 -3.56
N LYS A 91 -11.04 -9.05 -2.48
CA LYS A 91 -10.85 -8.47 -1.16
C LYS A 91 -9.42 -8.69 -0.69
N ASN A 92 -8.92 -7.76 0.13
CA ASN A 92 -7.59 -7.87 0.71
C ASN A 92 -7.68 -8.75 1.96
N PHE A 93 -7.60 -10.07 1.74
CA PHE A 93 -7.89 -11.01 2.83
C PHE A 93 -6.96 -10.83 4.02
N ALA A 94 -5.66 -10.65 3.79
CA ALA A 94 -4.73 -10.53 4.90
C ALA A 94 -5.00 -9.26 5.70
N LEU A 95 -5.29 -8.16 4.99
CA LEU A 95 -5.63 -6.91 5.65
C LEU A 95 -6.88 -7.07 6.51
N LEU A 96 -7.88 -7.78 5.99
CA LEU A 96 -9.11 -8.01 6.75
C LEU A 96 -8.83 -8.87 7.98
N GLU A 97 -7.95 -9.85 7.85
CA GLU A 97 -7.58 -10.68 9.01
C GLU A 97 -6.96 -9.83 10.11
N LEU A 98 -6.01 -8.97 9.73
CA LEU A 98 -5.37 -8.12 10.74
C LEU A 98 -6.34 -7.11 11.34
N LEU A 99 -7.18 -6.49 10.51
CA LEU A 99 -8.14 -5.53 11.02
C LEU A 99 -9.11 -6.20 11.99
N GLU A 100 -9.55 -7.42 11.68
CA GLU A 100 -10.42 -8.13 12.59
C GLU A 100 -9.72 -8.41 13.91
N ARG A 101 -8.44 -8.81 13.86
CA ARG A 101 -7.72 -9.03 15.12
C ARG A 101 -7.61 -7.73 15.92
N LEU A 102 -7.45 -6.60 15.25
CA LEU A 102 -7.35 -5.33 15.96
C LEU A 102 -8.68 -4.95 16.60
N GLN A 103 -9.79 -5.22 15.92
CA GLN A 103 -11.10 -4.89 16.47
C GLN A 103 -11.34 -5.60 17.79
N ASN A 104 -11.07 -6.91 17.83
CA ASN A 104 -11.16 -7.67 19.06
C ASN A 104 -9.85 -7.52 19.85
N VAL B 28 18.12 10.14 -8.52
CA VAL B 28 17.84 10.22 -7.10
C VAL B 28 17.68 11.68 -6.66
N LEU B 29 16.90 11.88 -5.61
CA LEU B 29 16.69 13.21 -5.04
C LEU B 29 16.77 13.08 -3.53
N GLU B 30 17.34 14.10 -2.89
CA GLU B 30 17.55 14.07 -1.45
C GLU B 30 16.50 14.92 -0.74
N CYS B 31 16.10 14.46 0.43
CA CYS B 31 15.29 15.27 1.33
C CYS B 31 16.09 16.49 1.79
N GLY B 32 15.46 17.66 1.72
CA GLY B 32 16.14 18.90 2.06
C GLY B 32 16.50 19.03 3.54
N VAL B 33 15.94 18.19 4.41
CA VAL B 33 16.22 18.27 5.84
C VAL B 33 17.38 17.37 6.18
N CYS B 34 17.25 16.08 5.91
CA CYS B 34 18.27 15.10 6.28
C CYS B 34 19.33 14.89 5.20
N GLU B 35 19.08 15.33 3.97
CA GLU B 35 19.96 15.12 2.84
C GLU B 35 20.14 13.64 2.51
N ASP B 36 19.27 12.78 3.03
CA ASP B 36 19.23 11.41 2.55
C ASP B 36 18.34 11.33 1.32
N VAL B 37 18.51 10.23 0.59
CA VAL B 37 17.78 10.02 -0.65
C VAL B 37 16.36 9.57 -0.33
N PHE B 38 15.40 10.01 -1.15
CA PHE B 38 14.03 9.54 -1.00
C PHE B 38 13.92 8.08 -1.43
N SER B 39 13.04 7.35 -0.74
CA SER B 39 12.69 5.99 -1.10
C SER B 39 11.27 5.95 -1.65
N LEU B 40 10.96 4.86 -2.34
CA LEU B 40 9.63 4.67 -2.91
C LEU B 40 8.60 4.23 -1.89
N GLN B 41 9.03 3.81 -0.71
CA GLN B 41 8.11 3.44 0.37
C GLN B 41 8.89 3.40 1.67
N GLY B 42 8.15 3.45 2.77
CA GLY B 42 8.75 3.33 4.09
C GLY B 42 9.06 4.64 4.77
N ASP B 43 10.11 4.65 5.59
CA ASP B 43 10.44 5.80 6.43
C ASP B 43 11.01 6.97 5.65
N LYS B 44 11.45 6.74 4.41
CA LYS B 44 12.04 7.79 3.60
C LYS B 44 11.17 8.19 2.42
N VAL B 45 9.88 7.84 2.46
CA VAL B 45 8.99 8.17 1.35
C VAL B 45 8.71 9.67 1.36
N PRO B 46 8.64 10.33 0.20
CA PRO B 46 8.37 11.78 0.17
C PRO B 46 6.90 12.10 0.42
N ARG B 47 6.65 12.92 1.46
CA ARG B 47 5.30 13.38 1.76
C ARG B 47 5.21 14.90 1.64
N LEU B 48 3.99 15.38 1.43
CA LEU B 48 3.73 16.77 1.10
C LEU B 48 3.20 17.54 2.28
N LEU B 49 3.74 18.75 2.46
CA LEU B 49 3.14 19.76 3.32
C LEU B 49 2.25 20.67 2.48
N LEU B 50 1.39 21.42 3.17
CA LEU B 50 0.41 22.24 2.47
C LEU B 50 1.03 23.43 1.75
N CYS B 51 2.28 23.77 2.09
CA CYS B 51 3.02 24.80 1.38
C CYS B 51 3.60 24.32 0.06
N GLY B 52 3.50 23.03 -0.24
CA GLY B 52 3.99 22.48 -1.48
C GLY B 52 5.36 21.83 -1.39
N HIS B 53 6.03 21.97 -0.26
CA HIS B 53 7.33 21.32 -0.07
C HIS B 53 7.15 19.84 0.25
N THR B 54 8.15 19.07 -0.16
CA THR B 54 8.23 17.65 0.15
C THR B 54 9.29 17.43 1.22
N VAL B 55 8.97 16.58 2.18
CA VAL B 55 9.89 16.17 3.23
C VAL B 55 9.73 14.67 3.43
N CYS B 56 10.82 14.00 3.76
CA CYS B 56 10.73 12.55 3.94
C CYS B 56 9.90 12.25 5.18
N HIS B 57 9.27 11.07 5.18
CA HIS B 57 8.38 10.67 6.27
C HIS B 57 9.08 10.80 7.62
N ASP B 58 10.28 10.26 7.73
CA ASP B 58 10.96 10.23 9.01
C ASP B 58 11.22 11.63 9.53
N CYS B 59 11.77 12.51 8.69
CA CYS B 59 11.97 13.90 9.11
C CYS B 59 10.68 14.53 9.59
N LEU B 60 9.55 14.24 8.91
CA LEU B 60 8.28 14.81 9.33
C LEU B 60 7.86 14.30 10.70
N THR B 61 8.12 13.02 11.01
CA THR B 61 7.79 12.51 12.34
C THR B 61 8.64 13.14 13.43
N ARG B 62 9.79 13.72 13.07
CA ARG B 62 10.64 14.37 14.05
C ARG B 62 10.32 15.83 14.27
N LEU B 63 9.42 16.42 13.50
CA LEU B 63 9.18 17.84 13.67
C LEU B 63 8.37 18.08 14.94
N PRO B 64 8.61 19.18 15.64
CA PRO B 64 7.85 19.46 16.86
C PRO B 64 6.40 19.74 16.54
N LEU B 65 5.52 19.30 17.44
CA LEU B 65 4.09 19.49 17.29
C LEU B 65 3.62 20.55 18.25
N HIS B 66 2.74 21.42 17.77
CA HIS B 66 2.09 22.46 18.55
C HIS B 66 0.61 22.20 18.38
N GLY B 67 0.02 21.49 19.34
CA GLY B 67 -1.33 21.00 19.19
C GLY B 67 -1.33 19.87 18.18
N ARG B 68 -1.89 20.11 16.99
CA ARG B 68 -1.86 19.14 15.91
C ARG B 68 -1.27 19.74 14.63
N ALA B 69 -0.37 20.71 14.78
CA ALA B 69 0.19 21.42 13.63
C ALA B 69 1.70 21.37 13.67
N ILE B 70 2.31 21.27 12.48
CA ILE B 70 3.76 21.25 12.30
C ILE B 70 4.12 22.36 11.33
N ARG B 71 5.31 22.92 11.52
CA ARG B 71 5.81 24.01 10.68
C ARG B 71 6.82 23.50 9.66
N CYS B 72 6.67 23.94 8.42
CA CYS B 72 7.63 23.58 7.38
C CYS B 72 9.02 24.07 7.76
N PRO B 73 10.05 23.21 7.66
CA PRO B 73 11.40 23.66 8.04
C PRO B 73 12.01 24.67 7.07
N PHE B 74 11.45 24.83 5.87
CA PHE B 74 12.02 25.73 4.88
C PHE B 74 11.41 27.12 4.91
N ASP B 75 10.12 27.24 5.22
CA ASP B 75 9.45 28.53 5.18
C ASP B 75 8.60 28.83 6.41
N ARG B 76 8.61 27.95 7.42
CA ARG B 76 7.88 28.10 8.67
C ARG B 76 6.35 28.05 8.52
N GLN B 77 5.83 27.78 7.33
CA GLN B 77 4.39 27.71 7.15
C GLN B 77 3.80 26.48 7.83
N VAL B 78 2.55 26.60 8.28
CA VAL B 78 1.90 25.62 9.14
C VAL B 78 1.10 24.64 8.30
N THR B 79 1.26 23.35 8.59
CA THR B 79 0.40 22.29 8.09
C THR B 79 -0.26 21.60 9.29
N ASP B 80 -1.59 21.52 9.26
CA ASP B 80 -2.36 20.87 10.31
C ASP B 80 -2.47 19.37 10.05
N LEU B 81 -2.27 18.57 11.11
CA LEU B 81 -2.32 17.13 11.02
C LEU B 81 -3.67 16.60 11.49
N GLY B 82 -4.10 15.51 10.87
CA GLY B 82 -5.30 14.80 11.28
C GLY B 82 -5.00 13.62 12.18
N ASP B 83 -6.02 12.77 12.35
CA ASP B 83 -5.91 11.64 13.28
C ASP B 83 -4.88 10.62 12.83
N SER B 84 -4.50 10.61 11.55
CA SER B 84 -3.46 9.71 11.07
C SER B 84 -2.06 10.31 11.19
N GLY B 85 -1.95 11.53 11.70
CA GLY B 85 -0.65 12.14 11.89
C GLY B 85 0.11 12.27 10.58
N VAL B 86 1.42 12.01 10.64
CA VAL B 86 2.27 12.10 9.47
C VAL B 86 1.80 11.14 8.39
N TRP B 87 1.22 10.01 8.79
CA TRP B 87 0.73 9.04 7.83
C TRP B 87 -0.44 9.59 7.01
N GLY B 88 -1.11 10.63 7.51
CA GLY B 88 -2.16 11.30 6.76
C GLY B 88 -1.69 12.35 5.77
N LEU B 89 -0.42 12.75 5.83
CA LEU B 89 0.12 13.65 4.80
C LEU B 89 0.26 12.88 3.50
N LYS B 90 -0.15 13.51 2.39
CA LYS B 90 -0.16 12.81 1.11
C LYS B 90 1.25 12.60 0.58
N LYS B 91 1.46 11.44 -0.04
CA LYS B 91 2.70 11.19 -0.74
C LYS B 91 2.78 12.06 -1.98
N ASN B 92 4.01 12.37 -2.40
CA ASN B 92 4.22 13.15 -3.62
C ASN B 92 4.18 12.19 -4.80
N PHE B 93 2.98 11.93 -5.30
CA PHE B 93 2.79 10.85 -6.27
C PHE B 93 3.59 11.07 -7.54
N ALA B 94 3.62 12.31 -8.06
CA ALA B 94 4.35 12.55 -9.31
C ALA B 94 5.85 12.34 -9.11
N LEU B 95 6.39 12.83 -7.99
CA LEU B 95 7.80 12.61 -7.70
C LEU B 95 8.11 11.13 -7.63
N LEU B 96 7.22 10.35 -7.01
CA LEU B 96 7.42 8.90 -6.93
C LEU B 96 7.37 8.26 -8.32
N GLU B 97 6.48 8.72 -9.19
CA GLU B 97 6.44 8.19 -10.55
C GLU B 97 7.77 8.42 -11.25
N LEU B 98 8.30 9.65 -11.16
CA LEU B 98 9.57 9.96 -11.80
C LEU B 98 10.72 9.16 -11.20
N LEU B 99 10.78 9.08 -9.86
CA LEU B 99 11.86 8.32 -9.23
C LEU B 99 11.81 6.85 -9.61
N GLU B 100 10.61 6.26 -9.65
CA GLU B 100 10.48 4.87 -10.04
C GLU B 100 10.95 4.67 -11.48
N ARG B 101 10.58 5.58 -12.38
CA ARG B 101 11.04 5.45 -13.76
C ARG B 101 12.55 5.58 -13.84
N LEU B 102 13.15 6.44 -13.02
CA LEU B 102 14.60 6.60 -13.05
C LEU B 102 15.29 5.36 -12.50
N GLN B 103 14.74 4.76 -11.45
CA GLN B 103 15.30 3.55 -10.86
C GLN B 103 15.26 2.39 -11.86
N VAL C 28 1.45 -7.48 14.64
CA VAL C 28 2.08 -8.45 13.76
C VAL C 28 1.05 -9.41 13.16
N LEU C 29 1.36 -9.93 11.98
CA LEU C 29 0.51 -10.89 11.30
C LEU C 29 1.38 -11.99 10.70
N GLU C 30 0.89 -13.22 10.74
CA GLU C 30 1.67 -14.36 10.28
C GLU C 30 1.26 -14.79 8.87
N CYS C 31 2.25 -15.26 8.12
CA CYS C 31 1.99 -15.95 6.87
C CYS C 31 1.26 -17.26 7.14
N GLY C 32 0.19 -17.49 6.40
CA GLY C 32 -0.62 -18.70 6.59
C GLY C 32 0.07 -19.98 6.18
N VAL C 33 1.17 -19.91 5.44
CA VAL C 33 1.86 -21.11 4.98
C VAL C 33 2.91 -21.52 6.02
N CYS C 34 3.86 -20.63 6.32
CA CYS C 34 4.94 -20.94 7.24
C CYS C 34 4.62 -20.61 8.69
N GLU C 35 3.56 -19.84 8.94
CA GLU C 35 3.16 -19.40 10.28
C GLU C 35 4.20 -18.49 10.94
N ASP C 36 5.17 -17.98 10.19
CA ASP C 36 6.05 -16.92 10.67
C ASP C 36 5.44 -15.55 10.40
N VAL C 37 5.95 -14.55 11.12
CA VAL C 37 5.44 -13.20 10.99
C VAL C 37 6.00 -12.54 9.74
N PHE C 38 5.18 -11.70 9.12
CA PHE C 38 5.63 -10.92 7.97
C PHE C 38 6.66 -9.88 8.38
N SER C 39 7.59 -9.61 7.48
CA SER C 39 8.54 -8.52 7.64
C SER C 39 8.17 -7.38 6.70
N LEU C 40 8.71 -6.20 6.97
CA LEU C 40 8.43 -5.03 6.15
C LEU C 40 9.21 -5.04 4.84
N GLN C 41 10.23 -5.88 4.73
CA GLN C 41 10.97 -6.05 3.48
C GLN C 41 11.81 -7.31 3.62
N GLY C 42 12.30 -7.82 2.49
CA GLY C 42 13.17 -8.97 2.51
C GLY C 42 12.48 -10.29 2.26
N ASP C 43 13.00 -11.36 2.89
CA ASP C 43 12.54 -12.71 2.59
C ASP C 43 11.15 -12.99 3.13
N LYS C 44 10.64 -12.19 4.07
CA LYS C 44 9.33 -12.41 4.66
C LYS C 44 8.35 -11.30 4.30
N VAL C 45 8.62 -10.55 3.24
CA VAL C 45 7.72 -9.44 2.86
C VAL C 45 6.43 -10.02 2.31
N PRO C 46 5.27 -9.44 2.62
CA PRO C 46 3.99 -9.97 2.11
C PRO C 46 3.78 -9.61 0.65
N ARG C 47 3.58 -10.63 -0.19
CA ARG C 47 3.28 -10.42 -1.60
C ARG C 47 1.89 -10.98 -1.94
N LEU C 48 1.32 -10.43 -3.02
CA LEU C 48 -0.06 -10.70 -3.40
C LEU C 48 -0.13 -11.68 -4.57
N LEU C 49 -1.04 -12.63 -4.45
CA LEU C 49 -1.49 -13.43 -5.57
C LEU C 49 -2.73 -12.80 -6.17
N LEU C 50 -3.05 -13.21 -7.40
CA LEU C 50 -4.13 -12.55 -8.12
C LEU C 50 -5.50 -12.88 -7.55
N CYS C 51 -5.59 -13.91 -6.72
CA CYS C 51 -6.83 -14.24 -6.01
C CYS C 51 -7.09 -13.35 -4.80
N GLY C 52 -6.13 -12.49 -4.44
CA GLY C 52 -6.28 -11.60 -3.31
C GLY C 52 -5.59 -12.05 -2.04
N HIS C 53 -5.08 -13.28 -2.00
CA HIS C 53 -4.35 -13.76 -0.83
C HIS C 53 -2.93 -13.22 -0.80
N THR C 54 -2.41 -13.08 0.41
CA THR C 54 -1.04 -12.69 0.67
C THR C 54 -0.25 -13.89 1.17
N VAL C 55 0.98 -14.03 0.69
CA VAL C 55 1.91 -15.06 1.14
C VAL C 55 3.28 -14.41 1.24
N CYS C 56 4.09 -14.87 2.20
CA CYS C 56 5.41 -14.26 2.34
C CYS C 56 6.27 -14.65 1.16
N HIS C 57 7.25 -13.78 0.85
CA HIS C 57 8.10 -14.00 -0.33
C HIS C 57 8.73 -15.39 -0.31
N ASP C 58 9.31 -15.79 0.82
CA ASP C 58 10.04 -17.05 0.89
C ASP C 58 9.15 -18.24 0.58
N CYS C 59 7.98 -18.32 1.23
CA CYS C 59 7.04 -19.39 0.93
C CYS C 59 6.68 -19.41 -0.54
N LEU C 60 6.50 -18.24 -1.15
CA LEU C 60 6.18 -18.20 -2.57
C LEU C 60 7.31 -18.80 -3.41
N THR C 61 8.56 -18.53 -3.03
CA THR C 61 9.65 -19.18 -3.78
C THR C 61 9.69 -20.68 -3.54
N ARG C 62 9.09 -21.16 -2.45
CA ARG C 62 9.10 -22.61 -2.18
C ARG C 62 7.90 -23.37 -2.75
N LEU C 63 6.88 -22.67 -3.30
CA LEU C 63 5.69 -23.33 -3.84
C LEU C 63 5.99 -23.92 -5.22
N PRO C 64 5.26 -24.97 -5.63
CA PRO C 64 5.51 -25.54 -6.95
C PRO C 64 5.18 -24.58 -8.08
N LEU C 65 6.03 -24.57 -9.10
CA LEU C 65 5.85 -23.76 -10.30
C LEU C 65 5.68 -24.69 -11.49
N HIS C 66 4.69 -24.41 -12.34
CA HIS C 66 4.47 -25.17 -13.58
C HIS C 66 4.25 -24.22 -14.76
N GLY C 67 5.31 -23.96 -15.52
CA GLY C 67 5.20 -23.06 -16.66
C GLY C 67 4.92 -21.63 -16.25
N ARG C 68 5.69 -21.11 -15.29
CA ARG C 68 5.55 -19.74 -14.83
C ARG C 68 4.19 -19.50 -14.16
N ALA C 69 3.59 -20.55 -13.64
CA ALA C 69 2.29 -20.44 -13.00
C ALA C 69 2.41 -21.00 -11.60
N ILE C 70 1.82 -20.30 -10.64
CA ILE C 70 1.83 -20.68 -9.24
C ILE C 70 0.39 -20.79 -8.77
N ARG C 71 0.12 -21.78 -7.93
CA ARG C 71 -1.23 -21.96 -7.42
C ARG C 71 -1.30 -21.45 -5.99
N CYS C 72 -2.34 -20.67 -5.69
CA CYS C 72 -2.56 -20.25 -4.32
C CYS C 72 -2.70 -21.50 -3.46
N PRO C 73 -1.96 -21.62 -2.36
CA PRO C 73 -2.09 -22.83 -1.54
C PRO C 73 -3.41 -22.94 -0.80
N PHE C 74 -4.17 -21.86 -0.71
CA PHE C 74 -5.42 -21.89 0.05
C PHE C 74 -6.63 -22.21 -0.82
N ASP C 75 -6.65 -21.76 -2.07
CA ASP C 75 -7.80 -21.95 -2.94
C ASP C 75 -7.44 -22.54 -4.31
N ARG C 76 -6.17 -22.88 -4.53
CA ARG C 76 -5.67 -23.51 -5.74
C ARG C 76 -5.77 -22.64 -6.99
N GLN C 77 -6.19 -21.38 -6.88
CA GLN C 77 -6.30 -20.53 -8.06
C GLN C 77 -4.93 -20.14 -8.61
N VAL C 78 -4.87 -19.97 -9.93
CA VAL C 78 -3.59 -19.80 -10.62
C VAL C 78 -3.25 -18.33 -10.72
N THR C 79 -2.01 -17.99 -10.42
CA THR C 79 -1.41 -16.69 -10.72
C THR C 79 -0.25 -16.93 -11.69
N ASP C 80 -0.29 -16.25 -12.83
CA ASP C 80 0.79 -16.36 -13.80
C ASP C 80 1.91 -15.40 -13.43
N LEU C 81 3.15 -15.89 -13.51
CA LEU C 81 4.32 -15.07 -13.17
C LEU C 81 4.94 -14.49 -14.44
N GLY C 82 5.51 -13.30 -14.30
CA GLY C 82 6.23 -12.63 -15.36
C GLY C 82 7.73 -12.86 -15.30
N ASP C 83 8.46 -12.05 -16.04
CA ASP C 83 9.90 -12.22 -16.16
C ASP C 83 10.65 -12.01 -14.86
N SER C 84 10.05 -11.32 -13.89
CA SER C 84 10.66 -11.15 -12.57
C SER C 84 10.25 -12.25 -11.57
N GLY C 85 9.42 -13.21 -11.98
CA GLY C 85 9.05 -14.29 -11.09
C GLY C 85 8.33 -13.79 -9.85
N VAL C 86 8.66 -14.41 -8.71
CA VAL C 86 8.03 -14.03 -7.44
C VAL C 86 8.31 -12.58 -7.11
N TRP C 87 9.48 -12.07 -7.51
CA TRP C 87 9.81 -10.66 -7.27
C TRP C 87 8.90 -9.71 -8.02
N GLY C 88 8.21 -10.18 -9.05
CA GLY C 88 7.23 -9.38 -9.76
C GLY C 88 5.85 -9.37 -9.13
N LEU C 89 5.58 -10.24 -8.17
CA LEU C 89 4.32 -10.16 -7.44
C LEU C 89 4.31 -8.90 -6.58
N LYS C 90 3.18 -8.19 -6.57
CA LYS C 90 3.12 -6.90 -5.90
C LYS C 90 3.14 -7.10 -4.40
N LYS C 91 3.81 -6.20 -3.70
CA LYS C 91 3.74 -6.19 -2.25
C LYS C 91 2.35 -5.74 -1.82
N ASN C 92 1.91 -6.22 -0.66
CA ASN C 92 0.62 -5.83 -0.09
C ASN C 92 0.84 -4.49 0.62
N PHE C 93 0.72 -3.40 -0.14
CA PHE C 93 1.11 -2.08 0.35
C PHE C 93 0.29 -1.65 1.56
N ALA C 94 -1.03 -1.87 1.53
CA ALA C 94 -1.87 -1.46 2.65
C ALA C 94 -1.54 -2.24 3.90
N LEU C 95 -1.29 -3.54 3.77
CA LEU C 95 -0.85 -4.34 4.91
C LEU C 95 0.47 -3.83 5.46
N LEU C 96 1.42 -3.51 4.59
CA LEU C 96 2.71 -3.01 5.07
C LEU C 96 2.54 -1.67 5.79
N GLU C 97 1.65 -0.81 5.29
CA GLU C 97 1.40 0.45 5.99
C GLU C 97 0.82 0.19 7.37
N LEU C 98 -0.14 -0.72 7.47
CA LEU C 98 -0.72 -1.02 8.78
C LEU C 98 0.32 -1.60 9.73
N LEU C 99 1.13 -2.53 9.24
CA LEU C 99 2.16 -3.11 10.09
C LEU C 99 3.15 -2.05 10.56
N GLU C 100 3.54 -1.14 9.68
CA GLU C 100 4.45 -0.06 10.09
C GLU C 100 3.80 0.85 11.13
N ARG C 101 2.55 1.22 10.91
CA ARG C 101 1.85 2.08 11.85
C ARG C 101 1.68 1.42 13.21
N LEU C 102 1.46 0.10 13.23
CA LEU C 102 1.37 -0.60 14.50
C LEU C 102 2.73 -0.68 15.19
N GLN C 103 3.79 -0.91 14.40
CA GLN C 103 5.14 -0.93 14.97
C GLN C 103 5.52 0.45 15.51
N ASN C 104 5.32 1.49 14.71
CA ASN C 104 5.71 2.84 15.10
C ASN C 104 4.70 3.44 16.07
ZN ZN D . -12.41 5.10 0.07
ZN ZN E . -1.77 1.46 -7.56
ZN ZN F . 14.47 13.68 5.55
ZN ZN G . 7.32 24.78 2.92
ZN ZN H . 5.49 -17.82 4.69
ZN ZN I . -5.85 -17.54 -2.93
#